data_2Z5I
#
_entry.id   2Z5I
#
_cell.length_a   41.957
_cell.length_b   114.498
_cell.length_c   68.351
_cell.angle_alpha   90.00
_cell.angle_beta   107.91
_cell.angle_gamma   90.00
#
_symmetry.space_group_name_H-M   'P 1 21 1'
#
loop_
_entity.id
_entity.type
_entity.pdbx_description
1 polymer 'General control protein GCN4 and Tropomyosin alpha-1 chain'
2 polymer 'Tropomyosin alpha-1 chain and General control protein GCN4'
3 non-polymer 'MAGNESIUM ION'
4 water water
#
loop_
_entity_poly.entity_id
_entity_poly.type
_entity_poly.pdbx_seq_one_letter_code
_entity_poly.pdbx_strand_id
1 'polypeptide(L)' GELLSKNYHLENEVARLKKLVDDLEDELYAQKLKYKAISEELDHALNDMTSI A,B,C,D,E,F,G,H
2 'polypeptide(L)' GAASMDAIKKKMQMLKLDKENALDRAEQLENEVARLKKLV I,J
#
loop_
_chem_comp.id
_chem_comp.type
_chem_comp.name
_chem_comp.formula
MG non-polymer 'MAGNESIUM ION' 'Mg 2'
#
# COMPACT_ATOMS: atom_id res chain seq x y z
N GLY A 1 5.68 -60.88 28.49
CA GLY A 1 6.15 -59.69 27.71
C GLY A 1 5.31 -58.44 27.91
N GLU A 2 5.97 -57.36 28.33
CA GLU A 2 5.38 -56.02 28.42
C GLU A 2 6.15 -54.99 27.60
N LEU A 3 7.45 -55.21 27.35
CA LEU A 3 8.25 -54.23 26.58
C LEU A 3 7.78 -53.97 25.15
N LEU A 4 7.29 -54.98 24.45
CA LEU A 4 6.73 -54.78 23.11
C LEU A 4 5.57 -53.78 23.16
N SER A 5 4.70 -53.96 24.15
CA SER A 5 3.56 -53.08 24.31
C SER A 5 4.03 -51.67 24.71
N LYS A 6 4.96 -51.60 25.65
CA LYS A 6 5.46 -50.30 26.09
C LYS A 6 6.10 -49.54 24.95
N ASN A 7 6.88 -50.26 24.16
CA ASN A 7 7.53 -49.67 23.00
C ASN A 7 6.54 -49.21 21.95
N TYR A 8 5.55 -50.04 21.66
CA TYR A 8 4.48 -49.68 20.73
C TYR A 8 3.80 -48.36 21.11
N HIS A 9 3.35 -48.23 22.35
CA HIS A 9 2.67 -47.00 22.79
C HIS A 9 3.59 -45.76 22.83
N LEU A 10 4.87 -45.95 23.18
CA LEU A 10 5.86 -44.87 23.08
C LEU A 10 6.06 -44.40 21.63
N GLU A 11 6.14 -45.35 20.69
CA GLU A 11 6.17 -45.00 19.26
C GLU A 11 4.94 -44.19 18.82
N ASN A 12 3.77 -44.53 19.32
CA ASN A 12 2.58 -43.77 18.96
C ASN A 12 2.63 -42.39 19.58
N GLU A 13 3.17 -42.30 20.78
CA GLU A 13 3.31 -41.01 21.46
C GLU A 13 4.31 -40.13 20.70
N VAL A 14 5.47 -40.70 20.33
CA VAL A 14 6.42 -40.00 19.48
C VAL A 14 5.73 -39.45 18.23
N ALA A 15 4.95 -40.29 17.54
CA ALA A 15 4.26 -39.84 16.33
C ALA A 15 3.23 -38.70 16.55
N ARG A 16 2.42 -38.81 17.61
CA ARG A 16 1.48 -37.74 17.97
C ARG A 16 2.19 -36.45 18.38
N LEU A 17 3.25 -36.57 19.19
CA LEU A 17 4.04 -35.39 19.59
C LEU A 17 4.69 -34.68 18.40
N LYS A 18 5.22 -35.43 17.44
CA LYS A 18 5.81 -34.80 16.25
C LYS A 18 4.78 -33.99 15.47
N LYS A 19 3.55 -34.49 15.37
CA LYS A 19 2.46 -33.80 14.67
C LYS A 19 2.04 -32.53 15.43
N LEU A 20 1.98 -32.60 16.75
CA LEU A 20 1.76 -31.46 17.63
C LEU A 20 2.84 -30.39 17.39
N VAL A 21 4.12 -30.78 17.49
CA VAL A 21 5.25 -29.91 17.19
C VAL A 21 5.12 -29.23 15.82
N ASP A 22 4.82 -30.00 14.77
CA ASP A 22 4.61 -29.42 13.42
C ASP A 22 3.54 -28.35 13.40
N ASP A 23 2.40 -28.63 14.03
CA ASP A 23 1.29 -27.68 14.16
C ASP A 23 1.72 -26.41 14.92
N LEU A 24 2.32 -26.59 16.09
CA LEU A 24 2.84 -25.47 16.89
C LEU A 24 3.87 -24.63 16.17
N GLU A 25 4.72 -25.26 15.36
CA GLU A 25 5.71 -24.51 14.60
C GLU A 25 5.06 -23.73 13.49
N ASP A 26 4.01 -24.29 12.89
CA ASP A 26 3.23 -23.53 11.89
C ASP A 26 2.48 -22.36 12.56
N GLU A 27 1.85 -22.58 13.73
CA GLU A 27 1.20 -21.48 14.44
C GLU A 27 2.20 -20.34 14.77
N LEU A 28 3.37 -20.72 15.27
CA LEU A 28 4.38 -19.75 15.68
C LEU A 28 4.91 -18.96 14.50
N TYR A 29 5.13 -19.66 13.39
CA TYR A 29 5.54 -19.01 12.17
C TYR A 29 4.52 -17.98 11.71
N ALA A 30 3.24 -18.36 11.68
CA ALA A 30 2.16 -17.43 11.34
C ALA A 30 2.07 -16.24 12.30
N GLN A 31 2.15 -16.48 13.59
CA GLN A 31 2.21 -15.40 14.57
C GLN A 31 3.38 -14.45 14.32
N LYS A 32 4.53 -14.99 13.93
CA LYS A 32 5.72 -14.14 13.65
C LYS A 32 5.58 -13.32 12.35
N LEU A 33 4.95 -13.92 11.34
CA LEU A 33 4.53 -13.21 10.13
C LEU A 33 3.57 -12.06 10.41
N LYS A 34 2.57 -12.33 11.23
CA LYS A 34 1.63 -11.30 11.71
C LYS A 34 2.39 -10.16 12.42
N TYR A 35 3.38 -10.50 13.24
CA TYR A 35 4.23 -9.49 13.90
C TYR A 35 5.11 -8.69 12.94
N LYS A 36 5.62 -9.33 11.91
CA LYS A 36 6.46 -8.70 10.89
C LYS A 36 5.65 -7.64 10.12
N ALA A 37 4.39 -7.98 9.82
CA ALA A 37 3.47 -7.11 9.09
C ALA A 37 3.18 -5.82 9.87
N ILE A 38 2.98 -5.94 11.18
CA ILE A 38 2.76 -4.76 12.02
C ILE A 38 4.08 -3.97 12.24
N SER A 39 5.21 -4.69 12.24
CA SER A 39 6.53 -4.07 12.36
C SER A 39 6.87 -3.21 11.16
N GLU A 40 6.31 -3.56 10.00
CA GLU A 40 6.45 -2.77 8.78
C GLU A 40 5.48 -1.59 8.80
N GLU A 41 4.31 -1.79 9.39
CA GLU A 41 3.39 -0.70 9.68
C GLU A 41 4.05 0.29 10.63
N LEU A 42 4.71 -0.23 11.67
CA LEU A 42 5.40 0.59 12.68
C LEU A 42 6.49 1.46 12.05
N ASP A 43 7.38 0.82 11.29
CA ASP A 43 8.49 1.49 10.58
C ASP A 43 8.04 2.58 9.61
N HIS A 44 6.82 2.48 9.09
CA HIS A 44 6.20 3.55 8.31
C HIS A 44 5.93 4.77 9.18
N ALA A 45 5.26 4.54 10.31
CA ALA A 45 4.81 5.64 11.20
C ALA A 45 5.96 6.47 11.77
N LEU A 46 7.04 5.81 12.19
CA LEU A 46 8.26 6.48 12.67
C LEU A 46 9.01 7.17 11.54
N ASN A 47 8.76 6.74 10.31
CA ASN A 47 9.36 7.32 9.11
C ASN A 47 8.58 8.55 8.61
N ASP A 48 7.30 8.63 9.00
CA ASP A 48 6.41 9.73 8.59
C ASP A 48 6.67 11.06 9.32
N MET A 49 7.43 11.00 10.42
CA MET A 49 7.90 12.20 11.11
C MET A 49 8.97 12.92 10.27
N GLY B 1 19.73 -55.23 26.70
CA GLY B 1 19.55 -55.78 25.33
C GLY B 1 18.77 -54.88 24.40
N GLU B 2 18.49 -55.40 23.21
CA GLU B 2 17.79 -54.70 22.14
C GLU B 2 16.43 -54.10 22.52
N LEU B 3 15.55 -54.91 23.13
CA LEU B 3 14.22 -54.41 23.50
C LEU B 3 14.32 -53.28 24.51
N LEU B 4 15.18 -53.43 25.52
CA LEU B 4 15.31 -52.45 26.58
C LEU B 4 16.04 -51.18 26.14
N SER B 5 17.05 -51.35 25.28
CA SER B 5 17.75 -50.20 24.71
C SER B 5 16.78 -49.40 23.84
N LYS B 6 15.95 -50.09 23.08
CA LYS B 6 14.94 -49.42 22.26
C LYS B 6 13.93 -48.68 23.16
N ASN B 7 13.52 -49.32 24.25
CA ASN B 7 12.62 -48.68 25.23
C ASN B 7 13.21 -47.37 25.79
N TYR B 8 14.47 -47.42 26.19
CA TYR B 8 15.21 -46.30 26.74
C TYR B 8 15.27 -45.11 25.76
N HIS B 9 15.61 -45.39 24.50
CA HIS B 9 15.69 -44.37 23.48
C HIS B 9 14.33 -43.74 23.19
N LEU B 10 13.29 -44.59 23.16
CA LEU B 10 11.93 -44.11 23.00
C LEU B 10 11.47 -43.23 24.15
N GLU B 11 11.83 -43.58 25.38
CA GLU B 11 11.49 -42.75 26.54
C GLU B 11 12.20 -41.41 26.46
N ASN B 12 13.48 -41.41 26.10
CA ASN B 12 14.23 -40.15 25.92
C ASN B 12 13.65 -39.29 24.79
N GLU B 13 13.23 -39.92 23.70
CA GLU B 13 12.70 -39.17 22.57
C GLU B 13 11.35 -38.55 22.93
N VAL B 14 10.51 -39.31 23.65
CA VAL B 14 9.21 -38.79 24.11
C VAL B 14 9.41 -37.57 25.02
N ALA B 15 10.38 -37.65 25.93
CA ALA B 15 10.69 -36.55 26.85
C ALA B 15 11.25 -35.33 26.11
N ARG B 16 12.08 -35.59 25.10
CA ARG B 16 12.60 -34.52 24.26
C ARG B 16 11.45 -33.81 23.55
N LEU B 17 10.49 -34.58 23.05
CA LEU B 17 9.38 -33.96 22.31
C LEU B 17 8.44 -33.18 23.23
N LYS B 18 8.22 -33.68 24.45
CA LYS B 18 7.37 -32.99 25.41
C LYS B 18 7.96 -31.63 25.80
N LYS B 19 9.27 -31.61 26.01
CA LYS B 19 9.99 -30.37 26.29
C LYS B 19 9.89 -29.36 25.13
N LEU B 20 10.01 -29.86 23.91
CA LEU B 20 9.90 -29.03 22.71
C LEU B 20 8.48 -28.44 22.64
N VAL B 21 7.45 -29.26 22.89
CA VAL B 21 6.08 -28.74 22.95
C VAL B 21 5.94 -27.60 23.96
N ASP B 22 6.48 -27.80 25.16
CA ASP B 22 6.38 -26.81 26.24
C ASP B 22 7.13 -25.56 25.85
N ASP B 23 8.31 -25.72 25.24
CA ASP B 23 9.07 -24.58 24.72
C ASP B 23 8.35 -23.78 23.64
N LEU B 24 7.69 -24.46 22.72
CA LEU B 24 6.94 -23.78 21.66
C LEU B 24 5.71 -23.05 22.20
N GLU B 25 5.02 -23.65 23.17
CA GLU B 25 3.86 -23.03 23.80
C GLU B 25 4.26 -21.80 24.56
N ASP B 26 5.37 -21.87 25.29
CA ASP B 26 5.93 -20.68 25.94
C ASP B 26 6.35 -19.60 24.95
N GLU B 27 6.86 -20.02 23.80
CA GLU B 27 7.28 -19.07 22.78
C GLU B 27 6.06 -18.40 22.15
N LEU B 28 5.01 -19.18 21.94
CA LEU B 28 3.71 -18.65 21.51
C LEU B 28 3.13 -17.62 22.49
N TYR B 29 3.24 -17.91 23.77
CA TYR B 29 2.82 -16.96 24.81
C TYR B 29 3.70 -15.68 24.81
N ALA B 30 5.02 -15.83 24.82
CA ALA B 30 5.95 -14.69 24.65
C ALA B 30 5.60 -13.84 23.42
N GLN B 31 5.35 -14.50 22.29
CA GLN B 31 4.92 -13.83 21.05
C GLN B 31 3.61 -13.02 21.20
N LYS B 32 2.66 -13.57 21.96
CA LYS B 32 1.39 -12.89 22.22
C LYS B 32 1.65 -11.61 23.02
N LEU B 33 2.59 -11.64 23.97
CA LEU B 33 2.96 -10.43 24.70
C LEU B 33 3.70 -9.43 23.81
N LYS B 34 4.58 -9.93 22.93
CA LYS B 34 5.30 -9.06 21.99
C LYS B 34 4.34 -8.32 21.07
N TYR B 35 3.28 -9.00 20.65
CA TYR B 35 2.32 -8.44 19.69
C TYR B 35 1.45 -7.32 20.25
N LYS B 36 0.95 -7.47 21.48
CA LYS B 36 0.23 -6.35 22.14
C LYS B 36 1.15 -5.12 22.37
N ALA B 37 2.41 -5.39 22.69
CA ALA B 37 3.41 -4.34 22.86
C ALA B 37 3.62 -3.54 21.57
N ILE B 38 3.84 -4.23 20.45
CA ILE B 38 4.09 -3.58 19.16
C ILE B 38 2.83 -2.91 18.59
N SER B 39 1.66 -3.38 19.05
CA SER B 39 0.37 -2.81 18.67
C SER B 39 0.19 -1.42 19.28
N GLU B 40 0.51 -1.33 20.57
CA GLU B 40 0.43 -0.08 21.31
C GLU B 40 1.45 0.94 20.81
N GLU B 41 2.63 0.45 20.40
CA GLU B 41 3.67 1.29 19.78
C GLU B 41 3.33 1.78 18.38
N LEU B 42 2.58 0.99 17.61
CA LEU B 42 2.09 1.41 16.31
C LEU B 42 0.99 2.46 16.46
N ASP B 43 0.16 2.31 17.50
CA ASP B 43 -0.83 3.32 17.85
C ASP B 43 -0.17 4.60 18.38
N HIS B 44 0.85 4.43 19.22
CA HIS B 44 1.58 5.54 19.85
C HIS B 44 2.41 6.36 18.86
N ALA B 45 2.91 5.71 17.82
CA ALA B 45 3.67 6.39 16.76
C ALA B 45 2.75 7.05 15.73
N LEU B 46 1.47 6.71 15.78
CA LEU B 46 0.44 7.41 15.01
C LEU B 46 0.05 8.71 15.71
N ASN B 47 -0.03 8.66 17.04
CA ASN B 47 -0.32 9.81 17.89
C ASN B 47 0.85 10.78 17.96
N ASP B 48 2.04 10.23 18.23
CA ASP B 48 3.31 10.96 18.28
C ASP B 48 3.65 11.62 16.94
N MET B 49 2.97 11.18 15.88
CA MET B 49 3.06 11.78 14.55
C MET B 49 2.16 13.02 14.48
N GLY C 1 -32.08 0.75 40.66
CA GLY C 1 -32.57 -0.66 40.87
C GLY C 1 -32.37 -1.54 39.66
N GLU C 2 -33.41 -2.30 39.33
CA GLU C 2 -33.39 -3.34 38.30
C GLU C 2 -32.98 -2.84 36.93
N LEU C 3 -33.58 -1.74 36.47
CA LEU C 3 -33.26 -1.22 35.13
C LEU C 3 -31.80 -0.72 35.03
N LEU C 4 -31.36 0.10 35.99
CA LEU C 4 -29.96 0.57 36.06
C LEU C 4 -28.91 -0.55 36.10
N SER C 5 -29.14 -1.55 36.96
CA SER C 5 -28.29 -2.74 37.05
C SER C 5 -28.26 -3.56 35.76
N LYS C 6 -29.43 -3.78 35.17
CA LYS C 6 -29.50 -4.40 33.83
C LYS C 6 -28.66 -3.67 32.76
N ASN C 7 -28.82 -2.34 32.65
CA ASN C 7 -28.05 -1.50 31.72
C ASN C 7 -26.56 -1.59 31.99
N TYR C 8 -26.20 -1.62 33.26
CA TYR C 8 -24.81 -1.79 33.66
C TYR C 8 -24.21 -3.11 33.23
N HIS C 9 -24.92 -4.20 33.50
CA HIS C 9 -24.44 -5.52 33.07
C HIS C 9 -24.33 -5.58 31.53
N LEU C 10 -25.31 -5.03 30.83
CA LEU C 10 -25.29 -4.93 29.36
C LEU C 10 -24.14 -4.11 28.78
N GLU C 11 -23.76 -3.03 29.45
CA GLU C 11 -22.57 -2.24 29.08
C GLU C 11 -21.26 -3.03 29.21
N ASN C 12 -21.09 -3.76 30.32
CA ASN C 12 -19.93 -4.65 30.51
C ASN C 12 -19.89 -5.78 29.44
N GLU C 13 -21.05 -6.33 29.11
CA GLU C 13 -21.21 -7.27 28.00
C GLU C 13 -20.76 -6.73 26.64
N VAL C 14 -21.19 -5.53 26.31
CA VAL C 14 -20.79 -4.82 25.10
C VAL C 14 -19.25 -4.69 25.06
N ALA C 15 -18.66 -4.24 26.16
CA ALA C 15 -17.22 -4.07 26.24
C ALA C 15 -16.53 -5.40 26.04
N ARG C 16 -17.02 -6.42 26.75
CA ARG C 16 -16.49 -7.77 26.62
C ARG C 16 -16.57 -8.31 25.17
N LEU C 17 -17.74 -8.16 24.55
CA LEU C 17 -17.98 -8.71 23.20
C LEU C 17 -17.18 -7.96 22.15
N LYS C 18 -17.02 -6.65 22.33
CA LYS C 18 -16.17 -5.86 21.42
C LYS C 18 -14.71 -6.34 21.45
N LYS C 19 -14.21 -6.65 22.66
CA LYS C 19 -12.88 -7.21 22.78
C LYS C 19 -12.80 -8.58 22.11
N LEU C 20 -13.80 -9.43 22.33
CA LEU C 20 -13.85 -10.76 21.72
C LEU C 20 -13.86 -10.72 20.20
N VAL C 21 -14.69 -9.85 19.60
CA VAL C 21 -14.68 -9.63 18.15
C VAL C 21 -13.27 -9.31 17.62
N ASP C 22 -12.62 -8.32 18.22
CA ASP C 22 -11.27 -7.94 17.84
C ASP C 22 -10.26 -9.08 17.97
N ASP C 23 -10.33 -9.84 19.06
CA ASP C 23 -9.43 -10.97 19.26
C ASP C 23 -9.68 -12.16 18.31
N LEU C 24 -10.95 -12.44 18.00
CA LEU C 24 -11.29 -13.44 16.96
C LEU C 24 -10.85 -13.02 15.57
N GLU C 25 -10.96 -11.73 15.24
CA GLU C 25 -10.49 -11.23 13.93
C GLU C 25 -8.98 -11.39 13.80
N ASP C 26 -8.26 -11.06 14.88
CA ASP C 26 -6.82 -11.28 14.96
C ASP C 26 -6.46 -12.77 14.78
N GLU C 27 -7.15 -13.63 15.51
CA GLU C 27 -6.92 -15.08 15.42
C GLU C 27 -7.19 -15.63 14.00
N LEU C 28 -8.27 -15.14 13.38
CA LEU C 28 -8.59 -15.57 12.01
C LEU C 28 -7.48 -15.15 11.05
N TYR C 29 -6.94 -13.95 11.27
CA TYR C 29 -5.87 -13.41 10.45
C TYR C 29 -4.62 -14.31 10.51
N ALA C 30 -4.13 -14.60 11.71
CA ALA C 30 -3.04 -15.55 11.92
C ALA C 30 -3.30 -16.92 11.28
N GLN C 31 -4.53 -17.43 11.42
CA GLN C 31 -4.90 -18.72 10.83
C GLN C 31 -4.82 -18.71 9.32
N LYS C 32 -5.21 -17.60 8.71
CA LYS C 32 -5.10 -17.48 7.26
C LYS C 32 -3.63 -17.45 6.81
N LEU C 33 -2.77 -16.80 7.60
CA LEU C 33 -1.33 -16.86 7.38
C LEU C 33 -0.78 -18.26 7.59
N LYS C 34 -1.27 -18.97 8.61
CA LYS C 34 -0.86 -20.35 8.87
C LYS C 34 -1.19 -21.27 7.68
N TYR C 35 -2.41 -21.14 7.18
CA TYR C 35 -2.86 -21.90 6.03
C TYR C 35 -2.03 -21.58 4.76
N LYS C 36 -1.77 -20.30 4.51
CA LYS C 36 -0.94 -19.91 3.39
C LYS C 36 0.49 -20.50 3.47
N ALA C 37 1.05 -20.57 4.66
CA ALA C 37 2.37 -21.15 4.87
C ALA C 37 2.43 -22.65 4.54
N ILE C 38 1.49 -23.43 5.08
CA ILE C 38 1.50 -24.90 4.84
C ILE C 38 1.09 -25.21 3.40
N SER C 39 0.33 -24.28 2.83
CA SER C 39 -0.07 -24.35 1.42
C SER C 39 1.14 -24.23 0.51
N GLU C 40 2.06 -23.33 0.85
CA GLU C 40 3.30 -23.17 0.09
C GLU C 40 4.23 -24.37 0.32
N GLU C 41 4.26 -24.90 1.55
CA GLU C 41 4.98 -26.11 1.84
C GLU C 41 4.49 -27.29 1.00
N LEU C 42 3.17 -27.42 0.89
CA LEU C 42 2.55 -28.47 0.09
C LEU C 42 2.88 -28.33 -1.41
N ASP C 43 2.80 -27.11 -1.92
CA ASP C 43 3.15 -26.84 -3.32
C ASP C 43 4.59 -27.26 -3.68
N HIS C 44 5.52 -27.09 -2.74
CA HIS C 44 6.91 -27.56 -2.93
C HIS C 44 7.02 -29.08 -2.94
N ALA C 45 6.20 -29.74 -2.12
CA ALA C 45 6.15 -31.20 -2.09
C ALA C 45 5.59 -31.79 -3.38
N LEU C 46 4.83 -30.99 -4.13
CA LEU C 46 4.23 -31.45 -5.38
C LEU C 46 5.02 -31.08 -6.64
N ASN C 47 5.98 -30.16 -6.50
CA ASN C 47 6.90 -29.80 -7.60
C ASN C 47 8.00 -30.84 -7.82
N ASP C 48 8.11 -31.78 -6.89
CA ASP C 48 9.04 -32.91 -7.00
C ASP C 48 8.39 -34.09 -7.72
N MET C 49 7.16 -33.87 -8.18
CA MET C 49 6.43 -34.83 -9.02
C MET C 49 6.41 -34.34 -10.47
N THR C 50 7.01 -33.17 -10.72
CA THR C 50 7.12 -32.60 -12.07
C THR C 50 8.48 -31.91 -12.26
N GLY D 1 -37.62 5.59 31.03
CA GLY D 1 -37.87 6.63 29.95
C GLY D 1 -36.69 6.78 28.99
N GLU D 2 -35.76 7.66 29.34
CA GLU D 2 -34.49 7.76 28.62
C GLU D 2 -33.60 6.55 29.01
N LEU D 3 -33.68 6.15 30.30
CA LEU D 3 -33.06 4.91 30.77
C LEU D 3 -33.54 3.68 30.01
N LEU D 4 -34.82 3.67 29.67
CA LEU D 4 -35.43 2.53 28.96
C LEU D 4 -34.95 2.49 27.52
N SER D 5 -34.74 3.66 26.92
CA SER D 5 -34.18 3.76 25.58
C SER D 5 -32.72 3.33 25.59
N LYS D 6 -32.00 3.64 26.66
CA LYS D 6 -30.62 3.17 26.75
C LYS D 6 -30.60 1.65 26.78
N ASN D 7 -31.53 1.04 27.52
CA ASN D 7 -31.66 -0.41 27.61
C ASN D 7 -31.94 -0.94 26.21
N TYR D 8 -32.88 -0.31 25.51
CA TYR D 8 -33.20 -0.70 24.15
C TYR D 8 -31.93 -0.75 23.27
N HIS D 9 -31.16 0.32 23.28
CA HIS D 9 -29.95 0.39 22.46
C HIS D 9 -28.87 -0.59 22.86
N LEU D 10 -28.70 -0.80 24.17
CA LEU D 10 -27.71 -1.77 24.70
C LEU D 10 -28.04 -3.20 24.31
N GLU D 11 -29.32 -3.54 24.41
CA GLU D 11 -29.78 -4.85 23.99
C GLU D 11 -29.59 -5.15 22.50
N ASN D 12 -29.81 -4.14 21.65
CA ASN D 12 -29.57 -4.30 20.21
C ASN D 12 -28.08 -4.42 19.91
N GLU D 13 -27.27 -3.67 20.64
CA GLU D 13 -25.84 -3.68 20.46
C GLU D 13 -25.30 -5.04 20.89
N VAL D 14 -25.82 -5.59 21.99
CA VAL D 14 -25.40 -6.91 22.46
C VAL D 14 -25.74 -7.97 21.39
N ALA D 15 -26.97 -7.91 20.86
CA ALA D 15 -27.40 -8.82 19.78
C ALA D 15 -26.53 -8.71 18.51
N ARG D 16 -26.18 -7.49 18.12
CA ARG D 16 -25.32 -7.29 16.94
C ARG D 16 -23.93 -7.90 17.14
N LEU D 17 -23.36 -7.74 18.34
CA LEU D 17 -22.01 -8.19 18.63
C LEU D 17 -21.94 -9.71 18.78
N LYS D 18 -22.95 -10.30 19.41
CA LYS D 18 -23.04 -11.77 19.54
C LYS D 18 -23.16 -12.49 18.19
N LYS D 19 -23.79 -11.82 17.22
CA LYS D 19 -23.93 -12.37 15.89
C LYS D 19 -22.59 -12.30 15.17
N LEU D 20 -21.87 -11.18 15.33
CA LEU D 20 -20.53 -10.99 14.82
C LEU D 20 -19.64 -12.10 15.37
N VAL D 21 -19.78 -12.37 16.66
CA VAL D 21 -19.02 -13.42 17.35
C VAL D 21 -19.37 -14.82 16.86
N ASP D 22 -20.66 -15.16 16.81
CA ASP D 22 -21.09 -16.45 16.23
C ASP D 22 -20.53 -16.64 14.80
N ASP D 23 -20.54 -15.59 13.97
CA ASP D 23 -20.02 -15.75 12.60
C ASP D 23 -18.54 -16.02 12.62
N LEU D 24 -17.80 -15.29 13.46
CA LEU D 24 -16.35 -15.43 13.59
C LEU D 24 -15.88 -16.77 14.14
N GLU D 25 -16.55 -17.27 15.18
CA GLU D 25 -16.26 -18.61 15.69
C GLU D 25 -16.53 -19.70 14.64
N ASP D 26 -17.60 -19.54 13.86
CA ASP D 26 -17.89 -20.44 12.74
C ASP D 26 -16.80 -20.41 11.67
N GLU D 27 -16.39 -19.21 11.32
CA GLU D 27 -15.33 -19.03 10.32
C GLU D 27 -14.04 -19.64 10.79
N LEU D 28 -13.76 -19.51 12.08
CA LEU D 28 -12.54 -20.04 12.65
C LEU D 28 -12.52 -21.58 12.71
N TYR D 29 -13.66 -22.16 13.06
CA TYR D 29 -13.81 -23.61 13.09
C TYR D 29 -13.59 -24.20 11.69
N ALA D 30 -14.24 -23.61 10.68
CA ALA D 30 -14.06 -24.03 9.28
C ALA D 30 -12.59 -23.89 8.78
N GLN D 31 -11.93 -22.80 9.18
CA GLN D 31 -10.54 -22.54 8.82
C GLN D 31 -9.62 -23.59 9.50
N LYS D 32 -9.90 -23.91 10.75
CA LYS D 32 -9.17 -24.98 11.46
C LYS D 32 -9.30 -26.33 10.76
N LEU D 33 -10.48 -26.64 10.23
CA LEU D 33 -10.68 -27.89 9.51
C LEU D 33 -9.92 -27.86 8.19
N LYS D 34 -9.92 -26.70 7.54
CA LYS D 34 -9.12 -26.50 6.34
C LYS D 34 -7.63 -26.78 6.55
N TYR D 35 -7.06 -26.29 7.64
CA TYR D 35 -5.64 -26.55 7.96
C TYR D 35 -5.37 -28.04 8.16
N LYS D 36 -6.21 -28.69 8.97
CA LYS D 36 -6.12 -30.15 9.14
C LYS D 36 -6.18 -30.90 7.81
N ALA D 37 -7.10 -30.49 6.93
CA ALA D 37 -7.25 -31.14 5.64
C ALA D 37 -6.01 -31.00 4.76
N ILE D 38 -5.41 -29.80 4.74
CA ILE D 38 -4.23 -29.60 3.89
C ILE D 38 -2.99 -30.25 4.54
N SER D 39 -2.96 -30.23 5.88
CA SER D 39 -1.93 -30.92 6.64
C SER D 39 -1.87 -32.41 6.28
N GLU D 40 -3.04 -33.04 6.15
CA GLU D 40 -3.16 -34.44 5.72
C GLU D 40 -2.76 -34.65 4.27
N GLU D 41 -3.14 -33.69 3.43
CA GLU D 41 -2.74 -33.65 2.02
C GLU D 41 -1.21 -33.63 1.89
N LEU D 42 -0.56 -32.86 2.75
CA LEU D 42 0.89 -32.76 2.78
C LEU D 42 1.54 -34.04 3.28
N ASP D 43 0.99 -34.59 4.36
CA ASP D 43 1.42 -35.88 4.90
C ASP D 43 1.37 -37.00 3.85
N HIS D 44 0.31 -37.01 3.05
CA HIS D 44 0.08 -37.98 1.98
C HIS D 44 1.08 -37.81 0.84
N ALA D 45 1.28 -36.56 0.40
CA ALA D 45 2.30 -36.19 -0.59
C ALA D 45 3.75 -36.57 -0.21
N LEU D 46 4.10 -36.43 1.07
CA LEU D 46 5.43 -36.76 1.56
C LEU D 46 5.62 -38.26 1.85
N ASN D 47 4.56 -38.91 2.32
CA ASN D 47 4.57 -40.33 2.64
C ASN D 47 4.45 -41.19 1.39
N ASP D 48 4.15 -40.54 0.27
CA ASP D 48 4.01 -41.23 -1.03
C ASP D 48 5.38 -41.45 -1.68
N MET D 49 6.29 -40.49 -1.48
CA MET D 49 7.65 -40.54 -2.05
C MET D 49 8.70 -40.95 -1.03
N GLY E 1 16.93 4.75 -65.13
CA GLY E 1 16.21 4.19 -63.96
C GLY E 1 16.18 5.10 -62.74
N GLU E 2 14.96 5.40 -62.26
CA GLU E 2 14.73 6.11 -61.02
C GLU E 2 13.86 5.31 -60.03
N LEU E 3 13.00 4.40 -60.51
CA LEU E 3 12.14 3.60 -59.63
C LEU E 3 12.85 2.74 -58.59
N LEU E 4 13.99 2.14 -58.95
CA LEU E 4 14.78 1.39 -57.98
C LEU E 4 15.18 2.27 -56.80
N SER E 5 15.66 3.46 -57.11
CA SER E 5 16.04 4.42 -56.09
C SER E 5 14.83 4.87 -55.28
N LYS E 6 13.73 5.17 -55.95
CA LYS E 6 12.54 5.64 -55.26
C LYS E 6 12.01 4.58 -54.32
N ASN E 7 12.00 3.35 -54.79
CA ASN E 7 11.59 2.21 -53.98
C ASN E 7 12.48 1.98 -52.80
N TYR E 8 13.79 2.01 -53.02
CA TYR E 8 14.77 1.89 -51.93
C TYR E 8 14.52 2.89 -50.79
N HIS E 9 14.40 4.16 -51.13
CA HIS E 9 14.17 5.21 -50.10
C HIS E 9 12.80 5.11 -49.41
N LEU E 10 11.76 4.68 -50.14
CA LEU E 10 10.46 4.37 -49.54
C LEU E 10 10.53 3.20 -48.54
N GLU E 11 11.27 2.14 -48.89
CA GLU E 11 11.54 1.04 -47.96
C GLU E 11 12.25 1.50 -46.68
N ASN E 12 13.20 2.41 -46.81
CA ASN E 12 13.87 2.93 -45.63
C ASN E 12 12.92 3.78 -44.80
N GLU E 13 12.05 4.51 -45.47
CA GLU E 13 11.06 5.33 -44.76
C GLU E 13 10.06 4.42 -44.01
N VAL E 14 9.54 3.40 -44.70
CA VAL E 14 8.71 2.39 -44.04
C VAL E 14 9.42 1.85 -42.79
N ALA E 15 10.68 1.47 -42.91
CA ALA E 15 11.42 0.94 -41.74
C ALA E 15 11.58 1.94 -40.56
N ARG E 16 11.94 3.19 -40.87
CA ARG E 16 12.02 4.24 -39.86
C ARG E 16 10.66 4.55 -39.20
N LEU E 17 9.61 4.64 -40.01
CA LEU E 17 8.25 4.87 -39.50
C LEU E 17 7.76 3.76 -38.59
N LYS E 18 8.03 2.51 -38.94
CA LYS E 18 7.64 1.40 -38.07
C LYS E 18 8.31 1.49 -36.70
N LYS E 19 9.59 1.89 -36.66
CA LYS E 19 10.32 2.05 -35.41
C LYS E 19 9.76 3.22 -34.57
N LEU E 20 9.41 4.33 -35.23
CA LEU E 20 8.71 5.44 -34.61
C LEU E 20 7.39 4.98 -33.99
N VAL E 21 6.55 4.30 -34.78
CA VAL E 21 5.29 3.72 -34.29
C VAL E 21 5.51 2.85 -33.06
N ASP E 22 6.48 1.92 -33.10
CA ASP E 22 6.79 1.07 -31.94
C ASP E 22 7.11 1.87 -30.69
N ASP E 23 7.94 2.91 -30.85
CA ASP E 23 8.32 3.83 -29.76
C ASP E 23 7.08 4.55 -29.21
N LEU E 24 6.31 5.17 -30.10
CA LEU E 24 5.07 5.85 -29.72
C LEU E 24 4.06 4.96 -29.02
N GLU E 25 3.97 3.69 -29.45
CA GLU E 25 3.05 2.77 -28.81
C GLU E 25 3.53 2.38 -27.44
N ASP E 26 4.85 2.27 -27.26
CA ASP E 26 5.41 2.03 -25.93
C ASP E 26 5.20 3.27 -25.02
N GLU E 27 5.41 4.48 -25.53
CA GLU E 27 5.16 5.71 -24.74
C GLU E 27 3.68 5.77 -24.30
N LEU E 28 2.77 5.49 -25.22
CA LEU E 28 1.33 5.55 -24.95
C LEU E 28 0.91 4.52 -23.93
N TYR E 29 1.44 3.31 -24.07
CA TYR E 29 1.19 2.26 -23.10
C TYR E 29 1.65 2.67 -21.69
N ALA E 30 2.87 3.20 -21.58
CA ALA E 30 3.37 3.72 -20.31
C ALA E 30 2.50 4.85 -19.73
N GLN E 31 2.12 5.81 -20.58
CA GLN E 31 1.21 6.87 -20.15
C GLN E 31 -0.12 6.32 -19.63
N LYS E 32 -0.63 5.29 -20.29
CA LYS E 32 -1.90 4.67 -19.86
C LYS E 32 -1.78 3.90 -18.52
N LEU E 33 -0.65 3.22 -18.34
CA LEU E 33 -0.27 2.61 -17.05
C LEU E 33 -0.18 3.63 -15.93
N LYS E 34 0.51 4.74 -16.19
CA LYS E 34 0.55 5.88 -15.27
C LYS E 34 -0.86 6.37 -14.90
N TYR E 35 -1.75 6.47 -15.90
CA TYR E 35 -3.15 6.84 -15.65
C TYR E 35 -3.95 5.81 -14.83
N LYS E 36 -3.69 4.53 -15.07
CA LYS E 36 -4.34 3.44 -14.34
C LYS E 36 -3.98 3.49 -12.84
N ALA E 37 -2.71 3.80 -12.58
CA ALA E 37 -2.18 3.89 -11.22
C ALA E 37 -2.85 5.00 -10.43
N ILE E 38 -3.08 6.14 -11.06
CA ILE E 38 -3.77 7.25 -10.40
C ILE E 38 -5.28 6.97 -10.30
N SER E 39 -5.83 6.22 -11.26
CA SER E 39 -7.23 5.81 -11.25
C SER E 39 -7.54 4.87 -10.08
N GLU E 40 -6.53 4.11 -9.66
CA GLU E 40 -6.64 3.24 -8.49
C GLU E 40 -6.48 4.05 -7.20
N GLU E 41 -5.63 5.08 -7.26
CA GLU E 41 -5.55 6.06 -6.19
C GLU E 41 -6.90 6.78 -6.04
N LEU E 42 -7.50 7.16 -7.17
CA LEU E 42 -8.80 7.85 -7.18
C LEU E 42 -9.90 7.01 -6.54
N ASP E 43 -10.04 5.76 -7.01
CA ASP E 43 -11.03 4.80 -6.51
C ASP E 43 -10.91 4.51 -5.01
N HIS E 44 -9.70 4.68 -4.45
CA HIS E 44 -9.49 4.62 -3.00
C HIS E 44 -10.19 5.79 -2.31
N ALA E 45 -9.91 7.01 -2.80
CA ALA E 45 -10.40 8.23 -2.17
C ALA E 45 -11.94 8.35 -2.12
N LEU E 46 -12.60 7.97 -3.22
CA LEU E 46 -14.06 7.93 -3.29
C LEU E 46 -14.64 6.78 -2.44
N ASN E 47 -13.80 5.80 -2.14
CA ASN E 47 -14.19 4.66 -1.31
C ASN E 47 -14.02 4.97 0.19
N ASP E 48 -13.18 5.95 0.49
CA ASP E 48 -12.89 6.34 1.88
C ASP E 48 -14.01 7.15 2.56
N MET E 49 -14.94 7.67 1.75
CA MET E 49 -16.16 8.31 2.25
C MET E 49 -17.09 7.26 2.88
N GLY F 1 3.45 -2.34 -64.33
CA GLY F 1 4.30 -3.54 -64.08
C GLY F 1 4.81 -3.67 -62.65
N GLU F 2 5.69 -4.64 -62.44
CA GLU F 2 6.24 -4.99 -61.14
C GLU F 2 6.89 -3.83 -60.36
N LEU F 3 7.79 -3.08 -61.02
CA LEU F 3 8.48 -1.99 -60.35
C LEU F 3 7.49 -0.92 -59.91
N LEU F 4 6.56 -0.56 -60.79
CA LEU F 4 5.60 0.50 -60.52
C LEU F 4 4.52 0.09 -59.52
N SER F 5 4.09 -1.17 -59.59
CA SER F 5 3.14 -1.70 -58.60
C SER F 5 3.79 -1.70 -57.23
N LYS F 6 5.06 -2.12 -57.17
CA LYS F 6 5.79 -2.09 -55.91
C LYS F 6 5.91 -0.64 -55.39
N ASN F 7 6.22 0.30 -56.27
CA ASN F 7 6.28 1.73 -55.89
C ASN F 7 4.96 2.21 -55.27
N TYR F 8 3.86 1.91 -55.95
CA TYR F 8 2.51 2.27 -55.51
C TYR F 8 2.17 1.74 -54.09
N HIS F 9 2.50 0.47 -53.86
CA HIS F 9 2.22 -0.15 -52.57
C HIS F 9 3.09 0.45 -51.48
N LEU F 10 4.34 0.74 -51.79
CA LEU F 10 5.24 1.41 -50.86
C LEU F 10 4.79 2.82 -50.53
N GLU F 11 4.27 3.56 -51.53
CA GLU F 11 3.74 4.90 -51.26
C GLU F 11 2.53 4.84 -50.35
N ASN F 12 1.62 3.89 -50.60
CA ASN F 12 0.45 3.70 -49.73
C ASN F 12 0.85 3.28 -48.33
N GLU F 13 1.86 2.43 -48.20
CA GLU F 13 2.27 1.95 -46.88
C GLU F 13 2.91 3.12 -46.09
N VAL F 14 3.73 3.92 -46.75
CA VAL F 14 4.34 5.09 -46.12
C VAL F 14 3.26 6.06 -45.60
N ALA F 15 2.24 6.30 -46.41
CA ALA F 15 1.11 7.17 -46.02
C ALA F 15 0.30 6.59 -44.88
N ARG F 16 0.11 5.27 -44.89
CA ARG F 16 -0.57 4.61 -43.79
C ARG F 16 0.22 4.79 -42.51
N LEU F 17 1.55 4.67 -42.59
CA LEU F 17 2.36 4.76 -41.38
C LEU F 17 2.41 6.20 -40.84
N LYS F 18 2.45 7.18 -41.73
CA LYS F 18 2.45 8.59 -41.34
C LYS F 18 1.16 8.96 -40.61
N LYS F 19 0.04 8.49 -41.12
CA LYS F 19 -1.26 8.67 -40.47
C LYS F 19 -1.30 8.03 -39.06
N LEU F 20 -0.75 6.82 -38.94
CA LEU F 20 -0.68 6.12 -37.67
C LEU F 20 0.17 6.92 -36.68
N VAL F 21 1.31 7.44 -37.13
CA VAL F 21 2.15 8.33 -36.29
C VAL F 21 1.34 9.52 -35.78
N ASP F 22 0.60 10.18 -36.68
CA ASP F 22 -0.18 11.38 -36.33
C ASP F 22 -1.28 10.99 -35.36
N ASP F 23 -1.93 9.86 -35.61
CA ASP F 23 -2.94 9.34 -34.67
C ASP F 23 -2.41 9.02 -33.28
N LEU F 24 -1.25 8.40 -33.19
CA LEU F 24 -0.63 8.11 -31.89
C LEU F 24 -0.21 9.36 -31.15
N GLU F 25 0.31 10.36 -31.87
CA GLU F 25 0.74 11.62 -31.24
C GLU F 25 -0.47 12.37 -30.72
N ASP F 26 -1.57 12.37 -31.47
CA ASP F 26 -2.83 12.93 -30.99
C ASP F 26 -3.38 12.19 -29.80
N GLU F 27 -3.20 10.88 -29.77
CA GLU F 27 -3.66 10.07 -28.65
C GLU F 27 -2.83 10.34 -27.40
N LEU F 28 -1.53 10.52 -27.59
CA LEU F 28 -0.63 10.95 -26.53
C LEU F 28 -0.99 12.31 -25.95
N TYR F 29 -1.35 13.24 -26.83
CA TYR F 29 -1.85 14.55 -26.37
C TYR F 29 -3.20 14.44 -25.61
N ALA F 30 -4.18 13.74 -26.18
CA ALA F 30 -5.45 13.43 -25.48
C ALA F 30 -5.19 12.82 -24.10
N GLN F 31 -4.29 11.84 -24.03
CA GLN F 31 -3.89 11.22 -22.76
C GLN F 31 -3.29 12.21 -21.73
N LYS F 32 -2.52 13.17 -22.22
CA LYS F 32 -1.94 14.20 -21.38
C LYS F 32 -3.05 15.06 -20.76
N LEU F 33 -4.09 15.36 -21.54
CA LEU F 33 -5.24 16.09 -21.01
C LEU F 33 -6.04 15.23 -20.02
N LYS F 34 -6.20 13.94 -20.31
CA LYS F 34 -6.90 13.02 -19.41
C LYS F 34 -6.22 12.94 -18.05
N TYR F 35 -4.88 12.95 -18.06
CA TYR F 35 -4.09 12.79 -16.84
C TYR F 35 -4.15 13.99 -15.88
N LYS F 36 -4.08 15.22 -16.40
CA LYS F 36 -4.29 16.41 -15.56
C LYS F 36 -5.71 16.46 -14.96
N ALA F 37 -6.69 16.01 -15.75
CA ALA F 37 -8.07 15.91 -15.29
C ALA F 37 -8.22 14.95 -14.10
N ILE F 38 -7.68 13.73 -14.24
CA ILE F 38 -7.78 12.71 -13.18
C ILE F 38 -6.93 13.08 -11.95
N SER F 39 -5.91 13.91 -12.17
CA SER F 39 -5.05 14.40 -11.08
C SER F 39 -5.81 15.37 -10.18
N GLU F 40 -6.54 16.28 -10.80
CA GLU F 40 -7.35 17.26 -10.09
C GLU F 40 -8.52 16.58 -9.35
N GLU F 41 -9.06 15.52 -9.96
CA GLU F 41 -10.12 14.71 -9.33
C GLU F 41 -9.63 13.86 -8.16
N LEU F 42 -8.38 13.40 -8.22
CA LEU F 42 -7.77 12.68 -7.10
C LEU F 42 -7.49 13.64 -5.94
N ASP F 43 -7.09 14.87 -6.27
CA ASP F 43 -6.92 15.93 -5.28
C ASP F 43 -8.27 16.36 -4.69
N HIS F 44 -9.28 16.48 -5.55
CA HIS F 44 -10.63 16.93 -5.16
C HIS F 44 -11.38 15.91 -4.31
N ALA F 45 -11.11 14.61 -4.53
CA ALA F 45 -11.70 13.54 -3.74
C ALA F 45 -10.96 13.33 -2.42
N LEU F 46 -9.79 13.94 -2.29
CA LEU F 46 -9.08 14.00 -1.00
C LEU F 46 -9.65 15.12 -0.14
N ASN F 47 -10.01 16.24 -0.78
CA ASN F 47 -10.63 17.39 -0.11
C ASN F 47 -12.08 17.09 0.26
N ASP F 48 -12.83 16.57 -0.72
CA ASP F 48 -14.23 16.15 -0.56
C ASP F 48 -14.40 15.05 0.49
N MET F 49 -13.28 14.41 0.85
CA MET F 49 -13.21 13.43 1.93
C MET F 49 -13.11 14.15 3.27
N GLY G 1 11.69 49.89 -7.57
CA GLY G 1 12.71 49.93 -8.65
C GLY G 1 13.40 48.60 -8.89
N GLU G 2 14.72 48.67 -9.02
CA GLU G 2 15.58 47.54 -9.41
C GLU G 2 15.46 46.35 -8.49
N LEU G 3 15.54 46.56 -7.18
CA LEU G 3 15.45 45.42 -6.24
C LEU G 3 14.06 44.74 -6.27
N LEU G 4 12.98 45.51 -6.19
CA LEU G 4 11.61 44.98 -6.28
C LEU G 4 11.33 44.18 -7.57
N SER G 5 11.72 44.75 -8.71
CA SER G 5 11.62 44.09 -10.02
C SER G 5 12.45 42.81 -10.12
N LYS G 6 13.69 42.85 -9.61
CA LYS G 6 14.50 41.62 -9.49
C LYS G 6 13.81 40.51 -8.67
N ASN G 7 13.32 40.84 -7.47
CA ASN G 7 12.57 39.89 -6.62
C ASN G 7 11.34 39.34 -7.32
N TYR G 8 10.65 40.19 -8.05
CA TYR G 8 9.49 39.78 -8.82
C TYR G 8 9.83 38.78 -9.92
N HIS G 9 10.87 39.07 -10.70
CA HIS G 9 11.30 38.13 -11.74
C HIS G 9 11.73 36.80 -11.11
N LEU G 10 12.47 36.87 -10.02
CA LEU G 10 12.89 35.67 -9.26
C LEU G 10 11.77 34.83 -8.71
N GLU G 11 10.69 35.47 -8.25
CA GLU G 11 9.46 34.77 -7.84
C GLU G 11 8.79 34.01 -8.96
N ASN G 12 8.63 34.65 -10.14
CA ASN G 12 8.11 33.97 -11.34
C ASN G 12 9.00 32.78 -11.79
N GLU G 13 10.31 32.96 -11.69
CA GLU G 13 11.29 31.89 -11.91
C GLU G 13 11.10 30.68 -10.99
N VAL G 14 10.94 30.95 -9.70
CA VAL G 14 10.68 29.92 -8.69
C VAL G 14 9.40 29.14 -9.06
N ALA G 15 8.33 29.86 -9.40
CA ALA G 15 7.06 29.25 -9.79
C ALA G 15 7.25 28.37 -11.01
N ARG G 16 7.92 28.93 -12.01
CA ARG G 16 8.25 28.21 -13.24
C ARG G 16 9.06 26.94 -12.99
N LEU G 17 10.13 27.04 -12.19
CA LEU G 17 11.03 25.91 -11.95
C LEU G 17 10.36 24.85 -11.10
N LYS G 18 9.49 25.26 -10.19
CA LYS G 18 8.73 24.29 -9.38
C LYS G 18 7.82 23.45 -10.25
N LYS G 19 7.18 24.09 -11.24
CA LYS G 19 6.34 23.39 -12.20
C LYS G 19 7.21 22.43 -13.06
N LEU G 20 8.36 22.90 -13.51
CA LEU G 20 9.28 22.08 -14.31
C LEU G 20 9.77 20.85 -13.57
N VAL G 21 10.20 21.01 -12.31
CA VAL G 21 10.56 19.86 -11.46
C VAL G 21 9.44 18.79 -11.41
N ASP G 22 8.23 19.23 -11.09
CA ASP G 22 7.08 18.32 -11.04
C ASP G 22 6.80 17.62 -12.39
N ASP G 23 6.87 18.36 -13.48
CA ASP G 23 6.70 17.76 -14.81
C ASP G 23 7.80 16.80 -15.26
N LEU G 24 9.06 17.12 -14.92
CA LEU G 24 10.18 16.20 -15.16
C LEU G 24 10.08 14.93 -14.31
N GLU G 25 9.66 15.06 -13.07
CA GLU G 25 9.44 13.88 -12.21
C GLU G 25 8.36 12.94 -12.78
N ASP G 26 7.27 13.55 -13.24
CA ASP G 26 6.19 12.83 -13.93
C ASP G 26 6.73 12.11 -15.17
N GLU G 27 7.48 12.84 -16.01
CA GLU G 27 8.05 12.29 -17.23
C GLU G 27 9.01 11.12 -16.93
N LEU G 28 9.83 11.27 -15.89
CA LEU G 28 10.76 10.19 -15.52
C LEU G 28 9.97 8.94 -15.09
N TYR G 29 8.88 9.17 -14.37
CA TYR G 29 8.01 8.09 -13.91
C TYR G 29 7.45 7.27 -15.10
N ALA G 30 6.80 7.95 -16.05
CA ALA G 30 6.36 7.31 -17.31
C ALA G 30 7.48 6.56 -18.04
N GLN G 31 8.67 7.18 -18.14
CA GLN G 31 9.81 6.54 -18.80
C GLN G 31 10.24 5.27 -18.10
N LYS G 32 10.22 5.25 -16.78
CA LYS G 32 10.52 4.03 -16.04
C LYS G 32 9.46 2.92 -16.29
N LEU G 33 8.21 3.32 -16.41
CA LEU G 33 7.16 2.39 -16.84
C LEU G 33 7.37 1.89 -18.27
N LYS G 34 7.78 2.80 -19.16
CA LYS G 34 8.07 2.46 -20.56
C LYS G 34 9.20 1.41 -20.65
N TYR G 35 10.27 1.65 -19.92
CA TYR G 35 11.40 0.73 -19.84
C TYR G 35 10.98 -0.64 -19.27
N LYS G 36 10.20 -0.64 -18.20
CA LYS G 36 9.71 -1.89 -17.63
C LYS G 36 8.86 -2.70 -18.63
N ALA G 37 8.06 -2.02 -19.44
CA ALA G 37 7.22 -2.68 -20.43
C ALA G 37 8.06 -3.38 -21.53
N ILE G 38 9.02 -2.65 -22.13
CA ILE G 38 9.84 -3.22 -23.20
C ILE G 38 10.79 -4.28 -22.66
N SER G 39 11.12 -4.14 -21.38
CA SER G 39 11.94 -5.09 -20.67
C SER G 39 11.22 -6.44 -20.53
N GLU G 40 9.92 -6.39 -20.27
CA GLU G 40 9.09 -7.59 -20.19
C GLU G 40 8.88 -8.20 -21.60
N GLU G 41 8.72 -7.33 -22.60
CA GLU G 41 8.67 -7.77 -23.99
C GLU G 41 9.94 -8.52 -24.39
N LEU G 42 11.10 -7.97 -24.02
CA LEU G 42 12.38 -8.59 -24.30
C LEU G 42 12.54 -9.95 -23.61
N ASP G 43 12.18 -10.02 -22.33
CA ASP G 43 12.21 -11.28 -21.58
C ASP G 43 11.39 -12.40 -22.23
N HIS G 44 10.25 -12.07 -22.84
CA HIS G 44 9.45 -13.05 -23.59
C HIS G 44 10.13 -13.50 -24.88
N ALA G 45 10.86 -12.59 -25.52
CA ALA G 45 11.62 -12.92 -26.74
C ALA G 45 12.80 -13.85 -26.43
N LEU G 46 13.23 -13.87 -25.17
CA LEU G 46 14.37 -14.70 -24.77
C LEU G 46 13.97 -16.05 -24.16
N ASN G 47 12.70 -16.19 -23.78
CA ASN G 47 12.14 -17.45 -23.28
C ASN G 47 11.87 -18.46 -24.39
N ASP G 48 11.95 -18.00 -25.64
CA ASP G 48 11.81 -18.86 -26.82
C ASP G 48 13.17 -19.42 -27.24
N MET G 49 14.20 -19.13 -26.44
CA MET G 49 15.53 -19.69 -26.60
C MET G 49 15.79 -20.75 -25.52
N THR G 50 14.80 -20.95 -24.64
CA THR G 50 14.86 -21.97 -23.58
C THR G 50 13.50 -22.64 -23.38
N GLY H 1 16.80 46.03 2.70
CA GLY H 1 16.83 45.54 4.12
C GLY H 1 16.14 44.19 4.31
N GLU H 2 14.83 44.23 4.57
CA GLU H 2 14.01 43.02 4.54
C GLU H 2 13.79 42.58 3.08
N LEU H 3 13.61 43.56 2.19
CA LEU H 3 13.61 43.33 0.73
C LEU H 3 14.86 42.63 0.24
N LEU H 4 16.01 43.00 0.80
CA LEU H 4 17.28 42.43 0.40
C LEU H 4 17.40 40.98 0.88
N SER H 5 16.84 40.70 2.06
CA SER H 5 16.78 39.33 2.58
C SER H 5 15.86 38.49 1.73
N LYS H 6 14.76 39.07 1.26
CA LYS H 6 13.88 38.34 0.35
C LYS H 6 14.62 37.96 -0.92
N ASN H 7 15.42 38.89 -1.44
CA ASN H 7 16.22 38.65 -2.63
C ASN H 7 17.18 37.51 -2.33
N TYR H 8 17.85 37.57 -1.17
CA TYR H 8 18.74 36.50 -0.76
C TYR H 8 18.07 35.13 -0.80
N HIS H 9 16.90 35.02 -0.20
CA HIS H 9 16.18 33.75 -0.16
C HIS H 9 15.68 33.28 -1.52
N LEU H 10 15.20 34.20 -2.35
CA LEU H 10 14.74 33.90 -3.70
C LEU H 10 15.86 33.37 -4.60
N GLU H 11 17.02 34.00 -4.50
CA GLU H 11 18.20 33.57 -5.23
C GLU H 11 18.67 32.16 -4.86
N ASN H 12 18.63 31.84 -3.56
CA ASN H 12 19.00 30.50 -3.10
C ASN H 12 17.99 29.46 -3.56
N GLU H 13 16.71 29.83 -3.53
CA GLU H 13 15.64 28.96 -3.94
C GLU H 13 15.75 28.69 -5.43
N VAL H 14 16.10 29.73 -6.21
CA VAL H 14 16.27 29.56 -7.66
C VAL H 14 17.43 28.58 -7.92
N ALA H 15 18.54 28.76 -7.22
CA ALA H 15 19.70 27.87 -7.33
C ALA H 15 19.38 26.42 -6.95
N ARG H 16 18.59 26.23 -5.89
CA ARG H 16 18.21 24.88 -5.45
C ARG H 16 17.34 24.18 -6.50
N LEU H 17 16.42 24.92 -7.11
CA LEU H 17 15.49 24.36 -8.08
C LEU H 17 16.15 24.06 -9.42
N LYS H 18 17.05 24.93 -9.86
CA LYS H 18 17.81 24.69 -11.10
C LYS H 18 18.72 23.46 -11.01
N LYS H 19 19.19 23.15 -9.81
CA LYS H 19 20.04 22.00 -9.59
C LYS H 19 19.16 20.74 -9.67
N LEU H 20 17.98 20.80 -9.06
CA LEU H 20 16.97 19.74 -9.12
C LEU H 20 16.66 19.46 -10.57
N VAL H 21 16.46 20.52 -11.34
CA VAL H 21 16.17 20.43 -12.77
C VAL H 21 17.33 19.84 -13.58
N ASP H 22 18.55 20.36 -13.40
CA ASP H 22 19.74 19.79 -14.06
C ASP H 22 19.85 18.28 -13.73
N ASP H 23 19.63 17.88 -12.48
CA ASP H 23 19.74 16.44 -12.14
C ASP H 23 18.68 15.64 -12.88
N LEU H 24 17.46 16.15 -12.92
CA LEU H 24 16.31 15.47 -13.56
C LEU H 24 16.45 15.33 -15.08
N GLU H 25 16.92 16.39 -15.73
CA GLU H 25 17.18 16.34 -17.18
C GLU H 25 18.28 15.33 -17.50
N ASP H 26 19.31 15.25 -16.65
CA ASP H 26 20.37 14.25 -16.77
C ASP H 26 19.84 12.84 -16.62
N GLU H 27 19.02 12.65 -15.60
CA GLU H 27 18.42 11.33 -15.35
C GLU H 27 17.54 10.90 -16.50
N LEU H 28 16.81 11.85 -17.06
CA LEU H 28 15.93 11.57 -18.19
C LEU H 28 16.70 11.22 -19.48
N TYR H 29 17.78 11.93 -19.73
CA TYR H 29 18.60 11.65 -20.90
C TYR H 29 19.21 10.24 -20.81
N ALA H 30 19.77 9.89 -19.65
CA ALA H 30 20.28 8.54 -19.40
C ALA H 30 19.21 7.43 -19.54
N GLN H 31 18.00 7.70 -19.04
CA GLN H 31 16.88 6.77 -19.13
C GLN H 31 16.46 6.58 -20.61
N LYS H 32 16.43 7.68 -21.37
CA LYS H 32 16.17 7.63 -22.82
C LYS H 32 17.18 6.74 -23.56
N LEU H 33 18.45 6.83 -23.16
CA LEU H 33 19.49 6.01 -23.80
C LEU H 33 19.33 4.54 -23.41
N LYS H 34 18.95 4.32 -22.16
CA LYS H 34 18.58 2.98 -21.71
C LYS H 34 17.47 2.32 -22.52
N TYR H 35 16.40 3.06 -22.81
CA TYR H 35 15.31 2.54 -23.65
C TYR H 35 15.78 2.18 -25.07
N LYS H 36 16.50 3.10 -25.70
CA LYS H 36 17.12 2.83 -27.01
C LYS H 36 18.00 1.56 -26.98
N ALA H 37 18.82 1.42 -25.94
CA ALA H 37 19.69 0.26 -25.82
C ALA H 37 18.92 -1.06 -25.70
N ILE H 38 17.84 -1.07 -24.91
CA ILE H 38 17.08 -2.31 -24.76
C ILE H 38 16.19 -2.57 -26.01
N SER H 39 15.72 -1.49 -26.62
CA SER H 39 15.01 -1.56 -27.88
C SER H 39 15.84 -2.27 -28.96
N GLU H 40 17.13 -1.95 -29.01
CA GLU H 40 18.08 -2.59 -29.92
C GLU H 40 18.36 -4.05 -29.55
N GLU H 41 18.44 -4.31 -28.26
CA GLU H 41 18.57 -5.66 -27.71
C GLU H 41 17.39 -6.52 -28.14
N LEU H 42 16.19 -5.94 -28.11
CA LEU H 42 14.97 -6.64 -28.52
C LEU H 42 14.96 -6.90 -30.03
N ASP H 43 15.31 -5.87 -30.80
CA ASP H 43 15.44 -5.97 -32.25
C ASP H 43 16.39 -7.11 -32.67
N HIS H 44 17.51 -7.22 -31.96
CA HIS H 44 18.54 -8.24 -32.18
C HIS H 44 18.03 -9.64 -31.83
N ALA H 45 17.38 -9.77 -30.68
CA ALA H 45 16.71 -11.01 -30.25
C ALA H 45 15.62 -11.53 -31.22
N LEU H 46 14.86 -10.62 -31.81
CA LEU H 46 13.80 -10.98 -32.76
C LEU H 46 14.30 -11.22 -34.18
N ASN H 47 15.33 -10.47 -34.58
CA ASN H 47 15.93 -10.58 -35.91
C ASN H 47 16.88 -11.77 -36.00
N ASP H 48 17.17 -12.37 -34.84
CA ASP H 48 18.05 -13.54 -34.76
C ASP H 48 17.30 -14.83 -35.09
N MET H 49 16.02 -14.88 -34.71
CA MET H 49 15.15 -16.04 -34.92
C MET H 49 14.18 -15.84 -36.09
N MET I 5 -4.41 -2.47 8.69
CA MET I 5 -5.00 -1.14 8.37
C MET I 5 -6.34 -0.95 9.09
N ASP I 6 -6.53 -1.68 10.18
CA ASP I 6 -7.70 -1.55 11.04
C ASP I 6 -7.44 -0.52 12.13
N ALA I 7 -6.18 -0.43 12.55
CA ALA I 7 -5.74 0.54 13.55
C ALA I 7 -5.20 1.83 12.90
N ILE I 8 -5.54 2.03 11.62
CA ILE I 8 -5.21 3.27 10.91
C ILE I 8 -6.49 4.05 10.57
N LYS I 9 -7.54 3.32 10.15
CA LYS I 9 -8.82 3.92 9.79
C LYS I 9 -9.56 4.49 11.00
N LYS I 10 -9.40 3.84 12.16
CA LYS I 10 -10.08 4.22 13.38
C LYS I 10 -9.32 5.27 14.19
N LYS I 11 -8.01 5.40 13.93
CA LYS I 11 -7.20 6.46 14.52
C LYS I 11 -7.33 7.76 13.71
N MET I 12 -7.77 7.64 12.46
CA MET I 12 -8.16 8.79 11.64
C MET I 12 -9.48 9.38 12.14
N GLN I 13 -10.36 8.50 12.61
CA GLN I 13 -11.68 8.88 13.13
C GLN I 13 -11.59 9.52 14.53
N MET I 14 -10.44 9.39 15.18
CA MET I 14 -10.18 10.08 16.44
C MET I 14 -9.69 11.51 16.20
N LEU I 15 -8.88 11.70 15.16
CA LEU I 15 -8.42 13.02 14.75
C LEU I 15 -9.56 13.82 14.08
N LYS I 16 -10.49 13.10 13.43
CA LYS I 16 -11.69 13.69 12.84
C LYS I 16 -12.67 14.15 13.91
N LEU I 17 -12.93 13.29 14.90
CA LEU I 17 -13.84 13.61 16.01
C LEU I 17 -13.28 14.70 16.92
N ASP I 18 -11.95 14.74 17.06
CA ASP I 18 -11.27 15.83 17.77
C ASP I 18 -11.33 17.13 16.95
N LYS I 19 -11.21 16.99 15.63
CA LYS I 19 -11.37 18.12 14.68
C LYS I 19 -12.76 18.73 14.69
N GLU I 20 -13.79 17.91 14.95
CA GLU I 20 -15.19 18.36 15.01
C GLU I 20 -15.33 19.49 16.03
N ASN I 21 -14.24 19.74 16.75
CA ASN I 21 -14.10 20.89 17.64
C ASN I 21 -13.09 21.92 17.11
N ALA I 22 -12.02 21.44 16.48
CA ALA I 22 -10.92 22.30 16.01
C ALA I 22 -11.33 23.60 15.28
N LEU I 23 -11.80 23.49 14.03
CA LEU I 23 -12.34 24.67 13.32
C LEU I 23 -13.70 25.10 13.89
N ASP I 24 -14.38 24.17 14.55
CA ASP I 24 -15.61 24.46 15.29
C ASP I 24 -15.37 25.48 16.41
N ARG I 25 -14.44 25.16 17.32
CA ARG I 25 -14.14 26.01 18.48
C ARG I 25 -13.69 27.39 18.05
N ALA I 26 -12.90 27.46 16.97
CA ALA I 26 -12.57 28.73 16.32
C ALA I 26 -13.81 29.60 16.10
N GLU I 27 -14.82 29.04 15.44
CA GLU I 27 -16.05 29.80 15.13
C GLU I 27 -16.89 30.18 16.36
N GLN I 28 -17.23 29.19 17.20
CA GLN I 28 -18.10 29.41 18.38
C GLN I 28 -17.50 30.41 19.38
N LEU I 29 -16.19 30.47 19.46
CA LEU I 29 -15.54 31.46 20.31
C LEU I 29 -15.39 32.80 19.59
N GLU I 30 -15.40 32.79 18.25
CA GLU I 30 -15.54 34.03 17.48
C GLU I 30 -16.92 34.59 17.79
N ASN I 31 -17.84 33.68 18.10
CA ASN I 31 -19.24 33.99 18.38
C ASN I 31 -19.43 34.57 19.77
N GLU I 32 -18.75 33.99 20.75
CA GLU I 32 -18.93 34.41 22.15
C GLU I 32 -18.23 35.73 22.44
N VAL I 33 -17.14 35.95 21.72
CA VAL I 33 -16.44 37.21 21.67
C VAL I 33 -17.38 38.30 21.15
N ALA I 34 -18.13 38.00 20.09
CA ALA I 34 -19.14 38.91 19.52
C ALA I 34 -20.23 39.28 20.53
N ARG I 35 -20.64 38.31 21.34
CA ARG I 35 -21.60 38.50 22.42
C ARG I 35 -21.03 39.48 23.44
N LEU I 36 -19.82 39.20 23.92
CA LEU I 36 -19.14 40.03 24.91
C LEU I 36 -18.79 41.44 24.41
N LYS I 37 -18.50 41.57 23.11
CA LYS I 37 -18.16 42.89 22.52
C LYS I 37 -19.37 43.81 22.44
N LYS I 38 -20.57 43.22 22.45
CA LYS I 38 -21.77 44.03 22.53
C LYS I 38 -21.96 44.70 23.91
N LEU I 39 -21.21 44.24 24.91
CA LEU I 39 -21.36 44.76 26.29
C LEU I 39 -20.34 45.83 26.68
N VAL I 40 -19.15 45.75 26.12
CA VAL I 40 -18.10 46.71 26.43
C VAL I 40 -18.13 47.85 25.42
N MET J 5 2.00 8.78 -4.57
CA MET J 5 1.91 9.16 -3.14
C MET J 5 2.64 10.48 -2.86
N ASP J 6 2.81 11.29 -3.91
CA ASP J 6 3.38 12.63 -3.80
C ASP J 6 2.29 13.66 -3.55
N ALA J 7 1.10 13.39 -4.09
CA ALA J 7 -0.07 14.23 -3.90
C ALA J 7 -0.94 13.75 -2.73
N ILE J 8 -0.35 12.93 -1.86
CA ILE J 8 -1.02 12.50 -0.62
C ILE J 8 -0.28 13.06 0.60
N LYS J 9 1.06 13.06 0.55
CA LYS J 9 1.89 13.57 1.64
C LYS J 9 1.78 15.09 1.79
N LYS J 10 1.60 15.79 0.67
CA LYS J 10 1.55 17.25 0.64
C LYS J 10 0.14 17.79 0.87
N LYS J 11 -0.87 16.94 0.67
CA LYS J 11 -2.26 17.30 1.00
C LYS J 11 -2.56 17.03 2.47
N MET J 12 -1.72 16.19 3.09
CA MET J 12 -1.74 16.01 4.56
C MET J 12 -1.15 17.24 5.25
N GLN J 13 -0.15 17.85 4.60
CA GLN J 13 0.52 19.04 5.12
C GLN J 13 -0.32 20.31 4.97
N MET J 14 -1.40 20.23 4.17
CA MET J 14 -2.38 21.32 4.07
C MET J 14 -3.42 21.24 5.19
N LEU J 15 -3.81 20.02 5.54
CA LEU J 15 -4.71 19.79 6.68
C LEU J 15 -3.99 20.02 8.01
N LYS J 16 -2.68 19.76 8.04
CA LYS J 16 -1.83 20.04 9.20
C LYS J 16 -1.63 21.54 9.41
N LEU J 17 -1.33 22.27 8.33
CA LEU J 17 -1.12 23.72 8.38
C LEU J 17 -2.43 24.47 8.67
N ASP J 18 -3.55 23.93 8.19
CA ASP J 18 -4.88 24.44 8.54
C ASP J 18 -5.22 24.14 10.00
N LYS J 19 -4.81 22.96 10.46
CA LYS J 19 -4.95 22.54 11.87
C LYS J 19 -4.16 23.41 12.84
N GLU J 20 -3.01 23.93 12.40
CA GLU J 20 -2.15 24.81 13.21
C GLU J 20 -2.95 26.02 13.70
N ASN J 21 -4.19 26.11 13.21
CA ASN J 21 -5.17 27.07 13.70
C ASN J 21 -6.33 26.39 14.44
N ALA J 22 -6.73 25.20 13.99
CA ALA J 22 -7.88 24.48 14.54
C ALA J 22 -7.98 24.41 16.09
N LEU J 23 -7.14 23.61 16.74
CA LEU J 23 -7.08 23.60 18.21
C LEU J 23 -6.40 24.86 18.75
N ASP J 24 -5.60 25.52 17.91
CA ASP J 24 -5.03 26.83 18.22
C ASP J 24 -6.11 27.89 18.46
N ARG J 25 -6.98 28.08 17.46
CA ARG J 25 -8.04 29.09 17.52
C ARG J 25 -8.95 28.87 18.70
N ALA J 26 -9.26 27.61 18.99
CA ALA J 26 -9.96 27.22 20.22
C ALA J 26 -9.35 27.89 21.46
N GLU J 27 -8.04 27.73 21.65
CA GLU J 27 -7.34 28.29 22.81
C GLU J 27 -7.29 29.83 22.84
N GLN J 28 -6.78 30.43 21.76
CA GLN J 28 -6.60 31.89 21.69
C GLN J 28 -7.90 32.67 21.84
N LEU J 29 -9.01 32.09 21.41
CA LEU J 29 -10.30 32.73 21.61
C LEU J 29 -10.87 32.39 22.99
N GLU J 30 -10.42 31.29 23.61
CA GLU J 30 -10.69 31.04 25.03
C GLU J 30 -9.98 32.15 25.81
N ASN J 31 -8.88 32.64 25.22
CA ASN J 31 -8.03 33.66 25.83
C ASN J 31 -8.63 35.05 25.72
N GLU J 32 -9.20 35.36 24.56
CA GLU J 32 -9.73 36.71 24.31
C GLU J 32 -11.06 36.93 25.03
N VAL J 33 -11.79 35.84 25.17
CA VAL J 33 -12.98 35.76 26.00
C VAL J 33 -12.62 36.10 27.45
N ALA J 34 -11.52 35.52 27.95
CA ALA J 34 -11.00 35.80 29.29
C ALA J 34 -10.66 37.29 29.50
N ARG J 35 -10.12 37.91 28.46
CA ARG J 35 -9.80 39.33 28.44
C ARG J 35 -11.09 40.14 28.57
N LEU J 36 -12.06 39.85 27.73
CA LEU J 36 -13.35 40.53 27.72
C LEU J 36 -14.18 40.31 28.99
N LYS J 37 -14.05 39.13 29.61
CA LYS J 37 -14.80 38.81 30.83
C LYS J 37 -14.27 39.59 32.03
N LYS J 38 -13.02 40.04 31.95
CA LYS J 38 -12.49 40.94 32.97
C LYS J 38 -13.16 42.33 32.96
N LEU J 39 -13.85 42.66 31.86
CA LEU J 39 -14.45 44.01 31.71
C LEU J 39 -15.93 44.08 32.05
N VAL J 40 -16.65 42.99 31.87
CA VAL J 40 -18.07 42.97 32.15
C VAL J 40 -18.32 42.45 33.57
MG MG K . 7.19 -27.74 10.27
MG MG L . 4.85 -2.43 -29.96
#